data_3GHE
#
_entry.id   3GHE
#
_cell.length_a   46.363
_cell.length_b   71.322
_cell.length_c   77.124
_cell.angle_alpha   90.00
_cell.angle_beta   104.25
_cell.angle_gamma   90.00
#
_symmetry.space_group_name_H-M   'P 1 21 1'
#
loop_
_entity.id
_entity.type
_entity.pdbx_description
1 polymer 'Fab 537-10D, light chain'
2 polymer 'Fab 537-10D, heavy chain'
3 polymer 'Envelope glycoprotein'
4 water water
#
loop_
_entity_poly.entity_id
_entity_poly.type
_entity_poly.pdbx_seq_one_letter_code
_entity_poly.pdbx_strand_id
1 'polypeptide(L)'
;QSALTQPASVSGSPGQSITISCTGTSTDVNGYNYVSWYQQYAGKAPKLIIFDVSKRPSGVSNRFSGSKSGDTASLTISGL
QAEDEADYHCSSYTSSTPYVLFGGGTKLTVLGQPKAAPSVTLFPPSSEELQANKATLVCLISDFYPGAVTVAWKADSSPV
KAGVETTTPSKQSNNKYAASSYLSLTPEQWKSHRSYSCQVTHEGSTVEKTVAPTTEC
;
L
2 'polypeptide(L)'
;QVQLVQSGGGLVQPGGSLRLSCVASGFTFNNYWMSWVRQAPGKGLEWVANIKQDGNDKYYVDSVKGRFTISRDNAKNSLF
LQMNSLRAEDTAVYFCAREFSSYTDHLEYYYDYYYMDVWGKGTTVTVSSASTKGPSVFPLAPCSRSTSGGTAALGCLVKD
YFPEPVTVSWNSGALTSGVHTFPAVLQSSGLYSLSSVVTVPSSSLGTQTYTCNVNHKPSNTKVDKRVELKTPT
;
H
3 'polypeptide(L)' RKRIHIGPGRAFYAT P
#
# COMPACT_ATOMS: atom_id res chain seq x y z
N GLN A 1 18.23 15.06 -8.33
CA GLN A 1 19.07 14.78 -9.52
C GLN A 1 18.56 13.56 -10.28
N SER A 2 17.86 12.67 -9.58
CA SER A 2 17.32 11.48 -10.22
C SER A 2 16.10 10.95 -9.50
N ALA A 3 15.12 10.52 -10.29
CA ALA A 3 13.87 9.96 -9.79
C ALA A 3 12.97 9.71 -10.98
N LEU A 4 12.55 8.47 -11.16
CA LEU A 4 11.68 8.15 -12.26
C LEU A 4 10.29 8.70 -11.90
N THR A 5 9.57 9.20 -12.89
CA THR A 5 8.25 9.76 -12.63
C THR A 5 7.17 9.14 -13.50
N GLN A 6 6.23 8.48 -12.85
CA GLN A 6 5.10 7.89 -13.56
C GLN A 6 3.83 8.33 -12.85
N PRO A 7 2.76 8.63 -13.61
CA PRO A 7 1.50 9.06 -12.99
C PRO A 7 0.99 8.08 -11.93
N ALA A 8 0.48 8.63 -10.83
CA ALA A 8 -0.04 7.84 -9.74
C ALA A 8 -1.11 6.89 -10.25
N SER A 9 -1.87 7.32 -11.24
CA SER A 9 -2.93 6.45 -11.76
C SER A 9 -3.43 6.80 -13.17
N VAL A 10 -4.02 5.79 -13.83
CA VAL A 10 -4.57 5.95 -15.17
C VAL A 10 -5.77 5.01 -15.32
N SER A 11 -6.71 5.41 -16.18
CA SER A 11 -7.91 4.63 -16.44
C SER A 11 -8.15 4.39 -17.92
N GLY A 12 -8.93 3.36 -18.22
CA GLY A 12 -9.25 3.02 -19.59
C GLY A 12 -10.37 2.02 -19.60
N SER A 13 -11.15 2.01 -20.67
CA SER A 13 -12.26 1.07 -20.80
C SER A 13 -11.86 -0.13 -21.66
N PRO A 14 -12.53 -1.27 -21.45
CA PRO A 14 -12.27 -2.51 -22.20
C PRO A 14 -12.15 -2.29 -23.70
N GLY A 15 -11.15 -2.91 -24.31
CA GLY A 15 -10.97 -2.77 -25.74
C GLY A 15 -10.04 -1.66 -26.17
N GLN A 16 -9.89 -0.63 -25.34
CA GLN A 16 -9.03 0.51 -25.66
C GLN A 16 -7.55 0.22 -25.42
N SER A 17 -6.72 1.19 -25.78
CA SER A 17 -5.29 1.10 -25.58
C SER A 17 -4.97 2.18 -24.55
N ILE A 18 -3.89 1.98 -23.79
CA ILE A 18 -3.51 2.98 -22.81
C ILE A 18 -2.00 3.04 -22.70
N THR A 19 -1.49 4.20 -22.33
CA THR A 19 -0.06 4.39 -22.19
C THR A 19 0.33 5.05 -20.88
N ILE A 20 1.40 4.52 -20.28
CA ILE A 20 1.93 5.03 -19.02
C ILE A 20 3.34 5.51 -19.33
N SER A 21 3.63 6.74 -18.98
CA SER A 21 4.96 7.29 -19.24
C SER A 21 5.83 7.20 -17.99
N CYS A 22 7.14 7.36 -18.19
CA CYS A 22 8.11 7.30 -17.11
C CYS A 22 9.30 8.15 -17.50
N THR A 23 9.31 9.40 -17.07
CA THR A 23 10.40 10.31 -17.37
C THR A 23 11.54 10.11 -16.37
N GLY A 24 12.73 10.56 -16.73
CA GLY A 24 13.86 10.42 -15.83
C GLY A 24 14.77 9.22 -16.05
N THR A 25 14.54 8.43 -17.09
CA THR A 25 15.43 7.29 -17.30
C THR A 25 16.73 7.83 -17.88
N SER A 26 17.75 6.99 -17.91
CA SER A 26 19.07 7.41 -18.38
C SER A 26 19.21 7.74 -19.85
N THR A 27 19.94 8.81 -20.15
CA THR A 27 20.19 9.19 -21.52
C THR A 27 21.65 8.84 -21.83
N ASP A 28 22.35 8.27 -20.85
CA ASP A 28 23.75 7.84 -21.05
C ASP A 28 23.66 6.74 -22.09
N VAL A 29 24.49 6.82 -23.13
CA VAL A 29 24.46 5.83 -24.18
C VAL A 29 24.69 4.41 -23.64
N ASN A 30 25.55 4.28 -22.64
CA ASN A 30 25.87 2.97 -22.06
C ASN A 30 24.79 2.41 -21.13
N GLY A 31 23.79 3.21 -20.79
CA GLY A 31 22.73 2.74 -19.90
C GLY A 31 21.34 3.03 -20.43
N TYR A 32 21.30 3.59 -21.63
CA TYR A 32 20.05 3.96 -22.30
C TYR A 32 19.09 2.80 -22.39
N ASN A 33 19.62 1.64 -22.77
CA ASN A 33 18.83 0.44 -22.94
C ASN A 33 18.38 -0.28 -21.67
N TYR A 34 18.87 0.14 -20.51
CA TYR A 34 18.44 -0.50 -19.27
C TYR A 34 17.14 0.13 -18.78
N VAL A 35 16.03 -0.46 -19.19
CA VAL A 35 14.69 -0.01 -18.80
C VAL A 35 13.82 -1.25 -18.68
N SER A 36 12.94 -1.25 -17.69
CA SER A 36 12.07 -2.40 -17.50
C SER A 36 10.73 -1.98 -16.90
N TRP A 37 9.78 -2.91 -16.90
CA TRP A 37 8.47 -2.67 -16.34
C TRP A 37 8.03 -3.91 -15.60
N TYR A 38 7.34 -3.73 -14.48
CA TYR A 38 6.87 -4.86 -13.71
C TYR A 38 5.38 -4.66 -13.46
N GLN A 39 4.66 -5.78 -13.40
CA GLN A 39 3.23 -5.74 -13.14
C GLN A 39 3.01 -6.32 -11.76
N GLN A 40 2.08 -5.75 -11.03
CA GLN A 40 1.81 -6.24 -9.69
C GLN A 40 0.34 -6.16 -9.32
N TYR A 41 -0.24 -7.31 -9.01
CA TYR A 41 -1.64 -7.40 -8.61
C TYR A 41 -1.71 -7.19 -7.10
N ALA A 42 -2.80 -6.58 -6.64
CA ALA A 42 -2.99 -6.33 -5.22
C ALA A 42 -2.68 -7.55 -4.36
N GLY A 43 -1.75 -7.38 -3.42
CA GLY A 43 -1.37 -8.47 -2.53
C GLY A 43 -0.40 -9.48 -3.11
N LYS A 44 -0.11 -9.38 -4.41
CA LYS A 44 0.81 -10.31 -5.04
C LYS A 44 2.18 -9.69 -5.23
N ALA A 45 3.13 -10.52 -5.66
CA ALA A 45 4.49 -10.09 -5.91
C ALA A 45 4.61 -9.56 -7.32
N PRO A 46 5.60 -8.70 -7.58
CA PRO A 46 5.81 -8.12 -8.91
C PRO A 46 6.15 -9.19 -9.94
N LYS A 47 6.02 -8.82 -11.21
CA LYS A 47 6.31 -9.72 -12.32
C LYS A 47 6.91 -8.94 -13.49
N LEU A 48 8.10 -9.34 -13.92
CA LEU A 48 8.78 -8.68 -15.04
C LEU A 48 7.99 -8.90 -16.33
N ILE A 49 7.68 -7.80 -17.03
CA ILE A 49 6.95 -7.92 -18.29
C ILE A 49 7.66 -7.25 -19.47
N ILE A 50 8.64 -6.39 -19.16
CA ILE A 50 9.42 -5.70 -20.20
C ILE A 50 10.79 -5.39 -19.64
N PHE A 51 11.85 -5.75 -20.38
CA PHE A 51 13.21 -5.45 -19.98
C PHE A 51 13.96 -5.00 -21.24
N ASP A 52 15.09 -4.33 -21.07
CA ASP A 52 15.81 -3.81 -22.22
C ASP A 52 14.86 -2.96 -23.07
N VAL A 53 14.14 -2.05 -22.40
CA VAL A 53 13.19 -1.13 -23.05
C VAL A 53 11.97 -1.78 -23.71
N SER A 54 12.18 -2.84 -24.48
CA SER A 54 11.04 -3.44 -25.18
C SER A 54 11.01 -4.95 -25.39
N LYS A 55 11.69 -5.72 -24.55
CA LYS A 55 11.66 -7.17 -24.73
C LYS A 55 10.66 -7.82 -23.77
N ARG A 56 10.01 -8.89 -24.23
CA ARG A 56 9.02 -9.57 -23.42
C ARG A 56 9.40 -10.96 -22.96
N PRO A 57 9.29 -11.23 -21.65
CA PRO A 57 9.63 -12.58 -21.18
C PRO A 57 8.57 -13.49 -21.83
N SER A 58 8.91 -14.74 -22.09
CA SER A 58 7.94 -15.64 -22.71
C SER A 58 6.75 -15.81 -21.77
N GLY A 59 5.55 -15.76 -22.33
CA GLY A 59 4.36 -15.89 -21.51
C GLY A 59 3.61 -14.58 -21.40
N VAL A 60 4.34 -13.46 -21.52
CA VAL A 60 3.73 -12.14 -21.43
C VAL A 60 3.08 -11.78 -22.77
N SER A 61 1.81 -11.41 -22.71
CA SER A 61 1.02 -11.04 -23.88
C SER A 61 1.61 -9.94 -24.76
N ASN A 62 1.55 -10.15 -26.07
CA ASN A 62 2.07 -9.15 -27.01
C ASN A 62 1.23 -7.88 -26.95
N ARG A 63 0.25 -7.83 -26.04
CA ARG A 63 -0.56 -6.63 -25.91
C ARG A 63 0.23 -5.59 -25.11
N PHE A 64 1.25 -6.06 -24.41
CA PHE A 64 2.11 -5.19 -23.61
C PHE A 64 3.37 -4.90 -24.40
N SER A 65 3.62 -3.63 -24.69
CA SER A 65 4.82 -3.25 -25.44
C SER A 65 5.55 -2.07 -24.81
N GLY A 66 6.85 -1.99 -25.02
CA GLY A 66 7.63 -0.90 -24.44
C GLY A 66 8.42 -0.12 -25.47
N SER A 67 8.57 1.17 -25.23
CA SER A 67 9.33 2.03 -26.13
C SER A 67 10.03 3.12 -25.35
N LYS A 68 10.89 3.86 -26.02
CA LYS A 68 11.63 4.93 -25.37
C LYS A 68 12.14 5.96 -26.36
N SER A 69 12.12 7.22 -25.94
CA SER A 69 12.63 8.32 -26.74
C SER A 69 13.08 9.34 -25.70
N GLY A 70 14.31 9.81 -25.83
CA GLY A 70 14.82 10.76 -24.85
C GLY A 70 14.95 10.02 -23.54
N ASP A 71 14.59 10.67 -22.44
CA ASP A 71 14.69 10.06 -21.12
C ASP A 71 13.35 9.45 -20.73
N THR A 72 12.37 9.58 -21.60
CA THR A 72 11.04 9.07 -21.33
C THR A 72 10.74 7.67 -21.84
N ALA A 73 10.51 6.74 -20.93
CA ALA A 73 10.15 5.38 -21.30
C ALA A 73 8.62 5.29 -21.28
N SER A 74 8.05 4.45 -22.14
CA SER A 74 6.61 4.32 -22.19
C SER A 74 6.14 2.90 -22.35
N LEU A 75 5.15 2.52 -21.54
CA LEU A 75 4.55 1.20 -21.59
C LEU A 75 3.19 1.38 -22.25
N THR A 76 2.84 0.46 -23.17
CA THR A 76 1.57 0.55 -23.88
C THR A 76 0.81 -0.76 -23.82
N ILE A 77 -0.46 -0.69 -23.41
CA ILE A 77 -1.29 -1.89 -23.33
C ILE A 77 -2.50 -1.74 -24.26
N SER A 78 -2.62 -2.65 -25.23
CA SER A 78 -3.73 -2.60 -26.17
C SER A 78 -4.83 -3.58 -25.78
N GLY A 79 -6.02 -3.37 -26.31
CA GLY A 79 -7.14 -4.24 -26.00
C GLY A 79 -7.27 -4.53 -24.52
N LEU A 80 -7.29 -3.47 -23.72
CA LEU A 80 -7.41 -3.60 -22.27
C LEU A 80 -8.42 -4.63 -21.82
N GLN A 81 -8.02 -5.45 -20.86
CA GLN A 81 -8.88 -6.48 -20.31
C GLN A 81 -9.01 -6.22 -18.82
N ALA A 82 -10.10 -6.72 -18.24
CA ALA A 82 -10.34 -6.54 -16.83
C ALA A 82 -9.18 -7.03 -15.98
N GLU A 83 -8.48 -8.06 -16.45
CA GLU A 83 -7.36 -8.61 -15.67
C GLU A 83 -6.07 -7.81 -15.80
N ASP A 84 -6.08 -6.76 -16.62
CA ASP A 84 -4.90 -5.92 -16.78
C ASP A 84 -4.83 -4.93 -15.62
N GLU A 85 -5.92 -4.82 -14.89
CA GLU A 85 -5.99 -3.91 -13.76
C GLU A 85 -4.98 -4.31 -12.68
N ALA A 86 -3.98 -3.45 -12.49
CA ALA A 86 -2.94 -3.71 -11.50
C ALA A 86 -2.05 -2.49 -11.37
N ASP A 87 -0.93 -2.67 -10.69
CA ASP A 87 0.03 -1.60 -10.53
C ASP A 87 1.18 -1.88 -11.50
N TYR A 88 1.70 -0.83 -12.11
CA TYR A 88 2.82 -0.96 -13.04
C TYR A 88 3.95 -0.06 -12.58
N HIS A 89 5.14 -0.63 -12.48
CA HIS A 89 6.29 0.12 -12.03
C HIS A 89 7.37 0.12 -13.10
N CYS A 90 7.93 1.29 -13.39
CA CYS A 90 9.02 1.33 -14.35
C CYS A 90 10.30 1.28 -13.55
N SER A 91 11.32 0.69 -14.13
CA SER A 91 12.62 0.59 -13.50
C SER A 91 13.60 1.10 -14.55
N SER A 92 14.66 1.75 -14.11
CA SER A 92 15.65 2.27 -15.04
C SER A 92 17.01 2.41 -14.39
N TYR A 93 18.01 2.59 -15.22
CA TYR A 93 19.38 2.79 -14.77
C TYR A 93 19.58 4.26 -14.46
N THR A 94 20.52 4.54 -13.55
CA THR A 94 20.91 5.92 -13.20
C THR A 94 22.42 5.82 -12.92
N SER A 95 23.17 6.79 -13.43
CA SER A 95 24.64 6.82 -13.29
C SER A 95 25.22 6.85 -11.89
N SER A 96 24.39 6.91 -10.86
CA SER A 96 24.90 6.91 -9.49
C SER A 96 24.07 6.03 -8.57
N THR A 97 24.67 5.58 -7.47
CA THR A 97 24.00 4.74 -6.48
C THR A 97 22.54 5.16 -6.37
N PRO A 98 21.61 4.21 -6.29
CA PRO A 98 21.77 2.75 -6.29
C PRO A 98 21.90 2.12 -7.69
N TYR A 99 22.08 2.96 -8.70
CA TYR A 99 22.24 2.52 -10.09
C TYR A 99 20.98 2.02 -10.78
N VAL A 100 20.05 1.45 -10.02
CA VAL A 100 18.79 0.97 -10.58
C VAL A 100 17.62 1.51 -9.76
N LEU A 101 16.80 2.34 -10.38
CA LEU A 101 15.66 2.96 -9.69
C LEU A 101 14.30 2.37 -10.08
N PHE A 102 13.29 2.74 -9.32
CA PHE A 102 11.91 2.34 -9.56
C PHE A 102 11.01 3.57 -9.49
N GLY A 103 9.99 3.64 -10.33
CA GLY A 103 9.09 4.78 -10.27
C GLY A 103 8.19 4.60 -9.06
N GLY A 104 7.22 5.50 -8.88
CA GLY A 104 6.34 5.39 -7.74
C GLY A 104 5.28 4.33 -7.96
N GLY A 105 5.12 3.94 -9.22
CA GLY A 105 4.14 2.95 -9.57
C GLY A 105 2.90 3.63 -10.10
N THR A 106 2.26 3.04 -11.09
CA THR A 106 1.04 3.59 -11.67
C THR A 106 -0.10 2.60 -11.46
N LYS A 107 -1.19 3.07 -10.87
CA LYS A 107 -2.35 2.20 -10.66
C LYS A 107 -3.26 2.29 -11.88
N LEU A 108 -3.39 1.17 -12.61
CA LEU A 108 -4.24 1.14 -13.79
C LEU A 108 -5.61 0.58 -13.46
N THR A 109 -6.64 1.37 -13.73
CA THR A 109 -8.01 0.94 -13.48
C THR A 109 -8.71 0.68 -14.81
N VAL A 110 -9.41 -0.45 -14.88
CA VAL A 110 -10.17 -0.80 -16.07
C VAL A 110 -11.62 -0.60 -15.67
N LEU A 111 -12.22 0.48 -16.17
CA LEU A 111 -13.60 0.80 -15.85
C LEU A 111 -14.55 -0.33 -16.25
N GLY A 112 -14.81 -1.23 -15.29
CA GLY A 112 -15.68 -2.36 -15.55
C GLY A 112 -17.12 -2.18 -15.11
N GLN A 113 -17.39 -1.13 -14.35
CA GLN A 113 -18.75 -0.86 -13.89
C GLN A 113 -19.06 0.63 -14.01
N PRO A 114 -20.35 0.99 -13.90
CA PRO A 114 -20.78 2.38 -14.01
C PRO A 114 -20.36 3.23 -12.81
N LYS A 115 -20.19 4.52 -13.04
CA LYS A 115 -19.80 5.41 -11.97
C LYS A 115 -20.84 5.36 -10.87
N ALA A 116 -20.39 5.57 -9.64
CA ALA A 116 -21.28 5.55 -8.50
C ALA A 116 -20.84 6.62 -7.50
N ALA A 117 -21.74 7.54 -7.18
CA ALA A 117 -21.44 8.60 -6.23
C ALA A 117 -21.40 7.98 -4.83
N PRO A 118 -20.58 8.54 -3.94
CA PRO A 118 -20.43 8.06 -2.56
C PRO A 118 -21.59 8.35 -1.61
N SER A 119 -21.81 7.45 -0.67
CA SER A 119 -22.84 7.65 0.33
C SER A 119 -22.07 8.16 1.54
N VAL A 120 -22.55 9.23 2.17
CA VAL A 120 -21.84 9.78 3.32
C VAL A 120 -22.70 9.89 4.58
N THR A 121 -22.16 9.38 5.69
CA THR A 121 -22.82 9.44 6.99
C THR A 121 -21.83 10.07 7.95
N LEU A 122 -22.23 11.15 8.63
CA LEU A 122 -21.34 11.82 9.57
C LEU A 122 -21.90 11.73 10.98
N PHE A 123 -21.05 11.32 11.91
CA PHE A 123 -21.43 11.18 13.33
C PHE A 123 -20.70 12.23 14.18
N PRO A 124 -21.41 12.81 15.16
CA PRO A 124 -20.81 13.83 16.03
C PRO A 124 -20.14 13.10 17.19
N PRO A 125 -19.37 13.83 18.01
CA PRO A 125 -18.71 13.17 19.14
C PRO A 125 -19.79 12.64 20.10
N SER A 126 -19.54 11.50 20.72
CA SER A 126 -20.51 10.94 21.65
C SER A 126 -20.38 11.65 23.00
N SER A 127 -21.49 11.78 23.71
CA SER A 127 -21.45 12.43 25.03
C SER A 127 -20.47 11.69 25.93
N GLU A 128 -20.37 10.37 25.76
CA GLU A 128 -19.45 9.58 26.57
C GLU A 128 -18.00 9.97 26.26
N GLU A 129 -17.67 10.19 24.99
CA GLU A 129 -16.32 10.58 24.63
C GLU A 129 -16.06 12.00 25.14
N LEU A 130 -17.04 12.88 24.98
CA LEU A 130 -16.89 14.24 25.45
C LEU A 130 -16.63 14.23 26.95
N GLN A 131 -17.45 13.49 27.68
CA GLN A 131 -17.32 13.39 29.14
C GLN A 131 -15.98 12.77 29.53
N ALA A 132 -15.26 12.25 28.53
CA ALA A 132 -13.95 11.65 28.76
C ALA A 132 -12.91 12.65 28.30
N ASN A 133 -13.35 13.89 28.12
CA ASN A 133 -12.49 15.00 27.70
C ASN A 133 -11.84 14.86 26.32
N LYS A 134 -12.62 14.37 25.36
CA LYS A 134 -12.14 14.19 23.98
C LYS A 134 -13.31 14.28 23.01
N ALA A 135 -13.01 14.43 21.72
CA ALA A 135 -14.04 14.53 20.70
C ALA A 135 -13.57 14.07 19.32
N THR A 136 -14.35 13.21 18.69
CA THR A 136 -14.02 12.67 17.38
C THR A 136 -15.24 12.68 16.46
N LEU A 137 -15.09 13.28 15.28
CA LEU A 137 -16.17 13.29 14.29
C LEU A 137 -15.86 12.14 13.33
N VAL A 138 -16.86 11.32 13.02
CA VAL A 138 -16.65 10.18 12.14
C VAL A 138 -17.38 10.31 10.81
N CYS A 139 -16.62 10.34 9.72
CA CYS A 139 -17.20 10.48 8.39
C CYS A 139 -17.04 9.16 7.65
N LEU A 140 -18.15 8.45 7.45
CA LEU A 140 -18.13 7.16 6.75
C LEU A 140 -18.58 7.31 5.30
N ILE A 141 -17.69 6.93 4.39
CA ILE A 141 -17.91 7.05 2.96
C ILE A 141 -18.03 5.66 2.35
N SER A 142 -19.05 5.45 1.53
CA SER A 142 -19.23 4.12 0.96
C SER A 142 -19.93 4.04 -0.39
N ASP A 143 -19.89 2.84 -0.96
CA ASP A 143 -20.51 2.52 -2.24
C ASP A 143 -20.14 3.41 -3.42
N PHE A 144 -18.87 3.79 -3.54
CA PHE A 144 -18.48 4.62 -4.68
C PHE A 144 -17.57 3.89 -5.66
N TYR A 145 -17.57 4.37 -6.90
CA TYR A 145 -16.74 3.82 -7.98
C TYR A 145 -16.58 4.89 -9.06
N PRO A 146 -15.35 5.09 -9.57
CA PRO A 146 -14.10 4.40 -9.23
C PRO A 146 -13.69 4.63 -7.78
N GLY A 147 -12.79 3.78 -7.30
CA GLY A 147 -12.32 3.87 -5.93
C GLY A 147 -11.32 4.98 -5.64
N ALA A 148 -11.74 6.23 -5.83
CA ALA A 148 -10.88 7.36 -5.56
C ALA A 148 -11.68 8.57 -5.06
N VAL A 149 -11.29 9.11 -3.91
CA VAL A 149 -11.97 10.27 -3.35
C VAL A 149 -11.00 11.14 -2.55
N THR A 150 -11.43 12.36 -2.22
CA THR A 150 -10.65 13.25 -1.39
C THR A 150 -11.63 13.86 -0.40
N VAL A 151 -11.20 14.01 0.84
CA VAL A 151 -12.06 14.56 1.89
C VAL A 151 -11.56 15.89 2.46
N ALA A 152 -12.51 16.78 2.73
CA ALA A 152 -12.22 18.09 3.30
C ALA A 152 -13.20 18.37 4.44
N TRP A 153 -12.68 18.84 5.57
CA TRP A 153 -13.52 19.16 6.73
C TRP A 153 -13.64 20.66 6.93
N LYS A 154 -14.71 21.08 7.59
CA LYS A 154 -14.93 22.49 7.87
C LYS A 154 -15.48 22.75 9.27
N ALA A 155 -14.93 23.75 9.93
CA ALA A 155 -15.38 24.16 11.26
C ALA A 155 -16.29 25.32 10.88
N ASP A 156 -17.59 25.12 11.02
CA ASP A 156 -18.57 26.12 10.60
C ASP A 156 -18.42 26.18 9.09
N SER A 157 -17.76 27.20 8.56
CA SER A 157 -17.60 27.30 7.12
C SER A 157 -16.15 27.52 6.69
N SER A 158 -15.22 27.33 7.63
CA SER A 158 -13.81 27.51 7.33
C SER A 158 -13.10 26.16 7.27
N PRO A 159 -12.09 26.04 6.40
CA PRO A 159 -11.35 24.78 6.29
C PRO A 159 -10.64 24.46 7.58
N VAL A 160 -10.47 23.17 7.85
CA VAL A 160 -9.79 22.71 9.05
C VAL A 160 -8.97 21.49 8.64
N LYS A 161 -7.65 21.59 8.74
CA LYS A 161 -6.76 20.50 8.36
C LYS A 161 -6.07 19.79 9.52
N ALA A 162 -6.11 20.42 10.71
CA ALA A 162 -5.48 19.85 11.88
C ALA A 162 -6.34 18.75 12.51
N GLY A 163 -5.71 17.62 12.81
CA GLY A 163 -6.44 16.52 13.43
C GLY A 163 -7.30 15.72 12.48
N VAL A 164 -6.90 15.66 11.21
CA VAL A 164 -7.65 14.91 10.20
C VAL A 164 -6.89 13.63 9.82
N GLU A 165 -7.57 12.50 9.91
CA GLU A 165 -6.98 11.19 9.57
C GLU A 165 -7.93 10.52 8.59
N THR A 166 -7.44 10.27 7.38
CA THR A 166 -8.26 9.67 6.33
C THR A 166 -7.61 8.41 5.75
N THR A 167 -8.39 7.34 5.67
CA THR A 167 -7.89 6.08 5.13
C THR A 167 -7.81 6.10 3.62
N THR A 168 -7.09 5.13 3.07
CA THR A 168 -6.97 4.98 1.64
C THR A 168 -8.27 4.25 1.26
N PRO A 169 -8.70 4.34 0.00
CA PRO A 169 -9.94 3.63 -0.31
C PRO A 169 -9.69 2.13 -0.28
N SER A 170 -10.75 1.35 -0.12
CA SER A 170 -10.61 -0.10 -0.12
C SER A 170 -11.88 -0.72 -0.70
N LYS A 171 -11.72 -1.82 -1.43
CA LYS A 171 -12.84 -2.49 -2.07
C LYS A 171 -13.79 -3.20 -1.12
N GLN A 172 -15.08 -3.00 -1.37
CA GLN A 172 -16.14 -3.61 -0.57
C GLN A 172 -16.53 -4.95 -1.19
N SER A 173 -17.44 -5.66 -0.53
CA SER A 173 -17.90 -6.94 -1.04
C SER A 173 -18.68 -6.76 -2.34
N ASN A 174 -19.55 -5.76 -2.38
CA ASN A 174 -20.35 -5.51 -3.58
C ASN A 174 -19.49 -4.96 -4.72
N ASN A 175 -18.20 -4.82 -4.42
CA ASN A 175 -17.19 -4.34 -5.37
C ASN A 175 -17.14 -2.87 -5.69
N LYS A 176 -17.71 -2.06 -4.80
CA LYS A 176 -17.63 -0.62 -4.92
C LYS A 176 -16.61 -0.30 -3.83
N TYR A 177 -16.35 0.97 -3.54
CA TYR A 177 -15.36 1.27 -2.52
C TYR A 177 -15.85 2.00 -1.29
N ALA A 178 -15.02 1.92 -0.25
CA ALA A 178 -15.29 2.55 1.02
C ALA A 178 -14.04 3.27 1.51
N ALA A 179 -14.25 4.22 2.43
CA ALA A 179 -13.17 4.98 3.03
C ALA A 179 -13.76 5.72 4.22
N SER A 180 -12.92 6.19 5.13
CA SER A 180 -13.43 6.92 6.26
C SER A 180 -12.44 7.97 6.70
N SER A 181 -12.96 9.06 7.26
CA SER A 181 -12.13 10.17 7.73
C SER A 181 -12.54 10.55 9.15
N TYR A 182 -11.53 10.81 9.99
CA TYR A 182 -11.75 11.19 11.38
C TYR A 182 -11.16 12.54 11.71
N LEU A 183 -11.94 13.40 12.37
CA LEU A 183 -11.48 14.72 12.77
C LEU A 183 -11.47 14.82 14.29
N SER A 184 -10.28 14.99 14.87
CA SER A 184 -10.13 15.12 16.33
C SER A 184 -10.21 16.57 16.80
N LEU A 185 -10.97 16.80 17.86
CA LEU A 185 -11.15 18.14 18.41
C LEU A 185 -11.16 18.07 19.93
N THR A 186 -11.26 19.23 20.57
CA THR A 186 -11.34 19.28 22.02
C THR A 186 -12.82 19.49 22.29
N PRO A 187 -13.33 18.99 23.41
CA PRO A 187 -14.76 19.19 23.69
C PRO A 187 -15.14 20.67 23.54
N GLU A 188 -14.22 21.56 23.91
CA GLU A 188 -14.46 22.99 23.81
C GLU A 188 -14.57 23.45 22.36
N GLN A 189 -13.72 22.92 21.49
CA GLN A 189 -13.78 23.28 20.09
C GLN A 189 -15.13 22.86 19.54
N TRP A 190 -15.49 21.61 19.82
CA TRP A 190 -16.76 21.06 19.36
C TRP A 190 -17.93 21.96 19.70
N LYS A 191 -18.05 22.33 20.98
CA LYS A 191 -19.14 23.17 21.44
C LYS A 191 -19.02 24.62 20.98
N SER A 192 -17.80 25.03 20.65
CA SER A 192 -17.54 26.41 20.22
C SER A 192 -18.15 26.81 18.88
N HIS A 193 -18.21 25.88 17.93
CA HIS A 193 -18.74 26.21 16.61
C HIS A 193 -20.22 25.89 16.39
N ARG A 194 -20.80 26.55 15.40
CA ARG A 194 -22.20 26.36 15.04
C ARG A 194 -22.36 24.94 14.48
N SER A 195 -21.37 24.49 13.71
CA SER A 195 -21.42 23.17 13.12
C SER A 195 -20.13 22.79 12.39
N TYR A 196 -19.99 21.51 12.08
CA TYR A 196 -18.83 21.01 11.35
C TYR A 196 -19.32 20.29 10.10
N SER A 197 -18.44 20.17 9.11
CA SER A 197 -18.80 19.52 7.86
C SER A 197 -17.74 18.59 7.29
N CYS A 198 -18.21 17.51 6.68
CA CYS A 198 -17.32 16.57 6.04
C CYS A 198 -17.71 16.61 4.56
N GLN A 199 -16.77 17.00 3.72
CA GLN A 199 -17.04 17.09 2.30
C GLN A 199 -16.24 16.09 1.49
N VAL A 200 -16.93 15.23 0.74
CA VAL A 200 -16.29 14.22 -0.09
C VAL A 200 -16.39 14.56 -1.57
N THR A 201 -15.24 14.61 -2.24
CA THR A 201 -15.20 14.91 -3.67
C THR A 201 -14.93 13.62 -4.40
N HIS A 202 -15.68 13.38 -5.47
CA HIS A 202 -15.55 12.17 -6.26
C HIS A 202 -15.88 12.47 -7.72
N GLU A 203 -14.90 12.26 -8.59
CA GLU A 203 -15.07 12.51 -10.02
C GLU A 203 -15.65 13.89 -10.31
N GLY A 204 -15.09 14.91 -9.67
CA GLY A 204 -15.56 16.28 -9.91
C GLY A 204 -16.85 16.74 -9.26
N SER A 205 -17.47 15.89 -8.44
CA SER A 205 -18.71 16.25 -7.75
C SER A 205 -18.57 15.97 -6.27
N THR A 206 -19.29 16.72 -5.45
CA THR A 206 -19.16 16.56 -4.01
C THR A 206 -20.45 16.29 -3.24
N VAL A 207 -20.29 15.60 -2.11
CA VAL A 207 -21.39 15.27 -1.20
C VAL A 207 -20.89 15.74 0.17
N GLU A 208 -21.59 16.69 0.77
CA GLU A 208 -21.19 17.23 2.09
C GLU A 208 -22.28 17.00 3.14
N LYS A 209 -21.84 16.60 4.34
CA LYS A 209 -22.77 16.39 5.44
C LYS A 209 -22.37 17.32 6.58
N THR A 210 -23.34 17.71 7.39
CA THR A 210 -23.05 18.63 8.49
C THR A 210 -23.69 18.15 9.80
N VAL A 211 -23.03 18.43 10.92
CA VAL A 211 -23.56 18.09 12.24
C VAL A 211 -23.33 19.27 13.19
N ALA A 212 -24.16 19.38 14.23
CA ALA A 212 -24.03 20.47 15.18
C ALA A 212 -24.29 20.05 16.62
N PRO A 213 -23.65 20.74 17.59
CA PRO A 213 -23.83 20.42 19.01
C PRO A 213 -25.31 20.51 19.39
N THR A 214 -25.85 19.41 19.91
CA THR A 214 -27.25 19.35 20.31
C THR A 214 -27.49 19.84 21.74
N GLN B 1 8.31 -26.13 -10.59
CA GLN B 1 8.52 -24.75 -11.11
C GLN B 1 9.50 -24.00 -10.22
N VAL B 2 9.84 -22.78 -10.62
CA VAL B 2 10.76 -21.94 -9.87
C VAL B 2 9.98 -21.28 -8.73
N GLN B 3 10.58 -21.20 -7.55
CA GLN B 3 9.91 -20.60 -6.41
C GLN B 3 10.88 -19.99 -5.42
N LEU B 4 10.39 -19.00 -4.67
CA LEU B 4 11.17 -18.34 -3.65
C LEU B 4 10.19 -18.08 -2.52
N VAL B 5 10.58 -18.44 -1.30
CA VAL B 5 9.70 -18.23 -0.15
C VAL B 5 10.47 -17.61 1.00
N GLN B 6 10.08 -16.39 1.38
CA GLN B 6 10.75 -15.72 2.48
C GLN B 6 9.99 -15.88 3.79
N SER B 7 10.66 -15.54 4.89
CA SER B 7 10.06 -15.61 6.21
C SER B 7 10.92 -14.80 7.15
N GLY B 8 10.45 -14.63 8.38
CA GLY B 8 11.21 -13.88 9.36
C GLY B 8 10.65 -12.50 9.69
N GLY B 9 9.64 -12.07 8.93
CA GLY B 9 9.05 -10.77 9.18
C GLY B 9 8.30 -10.70 10.50
N GLY B 10 8.03 -9.49 10.98
CA GLY B 10 7.32 -9.34 12.23
C GLY B 10 7.17 -7.91 12.68
N LEU B 11 6.68 -7.73 13.90
CA LEU B 11 6.50 -6.41 14.50
C LEU B 11 7.57 -6.16 15.56
N VAL B 12 8.26 -5.03 15.43
CA VAL B 12 9.30 -4.66 16.40
C VAL B 12 9.24 -3.17 16.66
N GLN B 13 10.07 -2.70 17.58
CA GLN B 13 10.11 -1.28 17.89
C GLN B 13 11.41 -0.71 17.36
N PRO B 14 11.47 0.63 17.17
CA PRO B 14 12.67 1.30 16.66
C PRO B 14 13.92 0.81 17.39
N GLY B 15 14.95 0.44 16.64
CA GLY B 15 16.17 -0.04 17.26
C GLY B 15 16.18 -1.55 17.36
N GLY B 16 15.02 -2.17 17.17
CA GLY B 16 14.94 -3.62 17.25
C GLY B 16 15.59 -4.25 16.03
N SER B 17 15.49 -5.58 15.92
CA SER B 17 16.09 -6.29 14.79
C SER B 17 15.28 -7.51 14.32
N LEU B 18 15.53 -7.91 13.08
CA LEU B 18 14.85 -9.06 12.48
C LEU B 18 15.81 -9.76 11.53
N ARG B 19 15.57 -11.05 11.27
CA ARG B 19 16.42 -11.83 10.38
C ARG B 19 15.53 -12.47 9.32
N LEU B 20 15.63 -12.02 8.08
CA LEU B 20 14.79 -12.58 7.02
C LEU B 20 15.43 -13.74 6.29
N SER B 21 14.62 -14.74 5.96
CA SER B 21 15.08 -15.92 5.25
C SER B 21 14.39 -16.02 3.89
N CYS B 22 15.01 -16.72 2.97
CA CYS B 22 14.45 -16.89 1.64
C CYS B 22 15.01 -18.21 1.11
N VAL B 23 14.11 -19.14 0.82
CA VAL B 23 14.49 -20.43 0.31
C VAL B 23 14.10 -20.57 -1.16
N ALA B 24 15.10 -20.88 -1.99
CA ALA B 24 14.90 -21.05 -3.41
C ALA B 24 14.67 -22.52 -3.75
N SER B 25 14.06 -22.77 -4.90
CA SER B 25 13.79 -24.13 -5.35
C SER B 25 13.39 -24.09 -6.82
N GLY B 26 13.92 -25.04 -7.60
CA GLY B 26 13.61 -25.08 -9.01
C GLY B 26 14.61 -24.41 -9.93
N PHE B 27 15.78 -24.05 -9.40
CA PHE B 27 16.81 -23.42 -10.22
C PHE B 27 18.16 -23.45 -9.53
N THR B 28 19.23 -23.42 -10.32
CA THR B 28 20.57 -23.47 -9.78
C THR B 28 20.90 -22.17 -9.05
N PHE B 29 20.60 -22.17 -7.75
CA PHE B 29 20.81 -21.03 -6.87
C PHE B 29 22.17 -20.35 -6.95
N ASN B 30 23.24 -21.12 -6.90
CA ASN B 30 24.58 -20.52 -6.94
C ASN B 30 25.05 -19.99 -8.28
N ASN B 31 24.12 -19.87 -9.23
CA ASN B 31 24.44 -19.32 -10.55
C ASN B 31 23.93 -17.88 -10.67
N TYR B 32 23.08 -17.46 -9.75
CA TYR B 32 22.50 -16.11 -9.82
C TYR B 32 22.78 -15.15 -8.68
N TRP B 33 22.75 -13.86 -8.99
CA TRP B 33 22.89 -12.83 -7.98
C TRP B 33 21.50 -12.84 -7.36
N MET B 34 21.42 -12.61 -6.05
CA MET B 34 20.13 -12.58 -5.36
C MET B 34 19.92 -11.21 -4.72
N SER B 35 18.69 -10.72 -4.74
CA SER B 35 18.39 -9.41 -4.16
C SER B 35 17.25 -9.38 -3.14
N TRP B 36 17.16 -8.26 -2.46
CA TRP B 36 16.09 -8.00 -1.50
C TRP B 36 15.49 -6.67 -1.93
N VAL B 37 14.19 -6.67 -2.19
CA VAL B 37 13.49 -5.46 -2.61
C VAL B 37 12.34 -5.23 -1.64
N ARG B 38 12.07 -3.98 -1.29
CA ARG B 38 10.98 -3.71 -0.37
C ARG B 38 9.94 -2.75 -0.93
N GLN B 39 8.77 -2.77 -0.28
CA GLN B 39 7.67 -1.94 -0.69
C GLN B 39 6.88 -1.48 0.53
N ALA B 40 6.98 -0.18 0.83
CA ALA B 40 6.27 0.40 1.95
C ALA B 40 4.78 0.49 1.58
N PRO B 41 3.90 0.37 2.58
CA PRO B 41 2.45 0.44 2.34
C PRO B 41 2.04 1.54 1.37
N GLY B 42 1.32 1.16 0.33
CA GLY B 42 0.85 2.11 -0.66
C GLY B 42 1.91 2.79 -1.53
N LYS B 43 3.14 2.31 -1.49
CA LYS B 43 4.18 2.94 -2.30
C LYS B 43 4.83 2.03 -3.34
N GLY B 44 5.84 2.55 -4.01
CA GLY B 44 6.52 1.78 -5.03
C GLY B 44 7.62 0.88 -4.48
N LEU B 45 8.34 0.23 -5.39
CA LEU B 45 9.41 -0.69 -5.01
C LEU B 45 10.74 0.03 -4.79
N GLU B 46 11.61 -0.59 -4.00
CA GLU B 46 12.93 -0.06 -3.74
C GLU B 46 13.89 -1.20 -3.45
N TRP B 47 14.94 -1.30 -4.26
CA TRP B 47 15.97 -2.32 -4.10
C TRP B 47 16.70 -2.03 -2.78
N VAL B 48 16.91 -3.06 -1.98
CA VAL B 48 17.58 -2.92 -0.69
C VAL B 48 19.02 -3.44 -0.66
N ALA B 49 19.24 -4.63 -1.21
CA ALA B 49 20.56 -5.22 -1.23
C ALA B 49 20.62 -6.47 -2.10
N ASN B 50 21.84 -6.86 -2.47
CA ASN B 50 22.07 -8.06 -3.25
C ASN B 50 23.44 -8.66 -2.94
N ILE B 51 23.69 -9.86 -3.45
CA ILE B 51 24.94 -10.55 -3.20
C ILE B 51 25.34 -11.34 -4.45
N LYS B 52 26.62 -11.30 -4.80
CA LYS B 52 27.14 -12.03 -5.97
C LYS B 52 26.99 -13.53 -5.76
N GLN B 53 27.19 -14.32 -6.81
CA GLN B 53 27.04 -15.78 -6.69
C GLN B 53 28.08 -16.43 -5.77
N ASP B 54 29.22 -15.77 -5.56
CA ASP B 54 30.25 -16.34 -4.71
C ASP B 54 30.14 -15.85 -3.27
N GLY B 55 29.05 -15.15 -2.97
CA GLY B 55 28.81 -14.65 -1.62
C GLY B 55 29.73 -13.59 -1.05
N ASN B 56 30.69 -13.12 -1.85
CA ASN B 56 31.62 -12.10 -1.38
C ASN B 56 31.13 -10.69 -1.65
N ASP B 57 31.03 -10.35 -2.94
CA ASP B 57 30.58 -9.03 -3.36
C ASP B 57 29.13 -8.78 -2.91
N LYS B 58 28.97 -7.77 -2.05
CA LYS B 58 27.68 -7.40 -1.49
C LYS B 58 27.40 -5.91 -1.72
N TYR B 59 26.17 -5.58 -2.09
CA TYR B 59 25.80 -4.19 -2.31
C TYR B 59 24.54 -3.83 -1.55
N TYR B 60 24.49 -2.57 -1.10
CA TYR B 60 23.36 -2.07 -0.32
C TYR B 60 22.93 -0.68 -0.77
N VAL B 61 21.70 -0.31 -0.42
CA VAL B 61 21.22 1.03 -0.71
C VAL B 61 21.79 1.84 0.45
N ASP B 62 22.13 3.10 0.21
CA ASP B 62 22.73 3.95 1.24
C ASP B 62 22.05 4.03 2.60
N SER B 63 20.71 4.10 2.61
CA SER B 63 19.98 4.22 3.87
C SER B 63 20.06 3.02 4.82
N VAL B 64 20.60 1.90 4.36
CA VAL B 64 20.73 0.73 5.24
C VAL B 64 22.15 0.24 5.41
N LYS B 65 23.11 0.90 4.77
CA LYS B 65 24.50 0.50 4.92
C LYS B 65 24.88 0.65 6.40
N GLY B 66 25.45 -0.40 6.96
CA GLY B 66 25.84 -0.37 8.36
C GLY B 66 24.82 -1.02 9.28
N ARG B 67 23.55 -0.98 8.87
CA ARG B 67 22.49 -1.57 9.69
C ARG B 67 22.06 -2.95 9.18
N PHE B 68 22.05 -3.12 7.86
CA PHE B 68 21.64 -4.37 7.23
C PHE B 68 22.81 -5.17 6.70
N THR B 69 22.75 -6.49 6.87
CA THR B 69 23.82 -7.37 6.40
C THR B 69 23.26 -8.55 5.64
N ILE B 70 23.56 -8.61 4.35
CA ILE B 70 23.08 -9.69 3.50
C ILE B 70 24.07 -10.84 3.42
N SER B 71 23.56 -12.06 3.32
CA SER B 71 24.43 -13.22 3.21
C SER B 71 23.67 -14.36 2.56
N ARG B 72 24.40 -15.34 2.03
CA ARG B 72 23.78 -16.49 1.40
C ARG B 72 24.52 -17.78 1.77
N ASP B 73 23.87 -18.90 1.56
CA ASP B 73 24.47 -20.20 1.85
C ASP B 73 24.08 -21.10 0.68
N ASN B 74 24.97 -21.20 -0.31
CA ASN B 74 24.68 -22.00 -1.49
C ASN B 74 24.46 -23.46 -1.18
N ALA B 75 24.92 -23.88 0.00
CA ALA B 75 24.75 -25.27 0.41
C ALA B 75 23.28 -25.57 0.68
N LYS B 76 22.53 -24.56 1.11
CA LYS B 76 21.11 -24.77 1.42
C LYS B 76 20.13 -23.87 0.67
N ASN B 77 20.52 -23.42 -0.51
CA ASN B 77 19.67 -22.56 -1.35
C ASN B 77 19.02 -21.45 -0.56
N SER B 78 19.74 -20.88 0.40
CA SER B 78 19.15 -19.83 1.21
C SER B 78 19.81 -18.45 1.11
N LEU B 79 18.96 -17.43 1.17
CA LEU B 79 19.37 -16.02 1.15
C LEU B 79 18.91 -15.45 2.49
N PHE B 80 19.73 -14.63 3.11
CA PHE B 80 19.37 -14.04 4.39
C PHE B 80 19.58 -12.53 4.42
N LEU B 81 18.94 -11.88 5.39
CA LEU B 81 19.09 -10.45 5.58
C LEU B 81 18.91 -10.14 7.07
N GLN B 82 20.02 -9.76 7.71
CA GLN B 82 20.00 -9.41 9.13
C GLN B 82 19.74 -7.93 9.21
N MET B 83 18.65 -7.55 9.87
CA MET B 83 18.29 -6.16 10.00
C MET B 83 18.49 -5.64 11.44
N ASN B 84 19.37 -4.67 11.60
CA ASN B 84 19.63 -4.10 12.91
C ASN B 84 19.28 -2.62 12.94
N SER B 85 19.10 -2.08 14.14
CA SER B 85 18.79 -0.67 14.29
C SER B 85 17.61 -0.29 13.40
N LEU B 86 16.56 -1.10 13.43
CA LEU B 86 15.37 -0.87 12.60
C LEU B 86 14.69 0.46 12.89
N ARG B 87 14.15 1.06 11.84
CA ARG B 87 13.46 2.35 11.96
C ARG B 87 12.03 2.27 11.45
N ALA B 88 11.24 3.27 11.80
CA ALA B 88 9.86 3.32 11.36
C ALA B 88 9.83 3.34 9.84
N GLU B 89 10.74 4.09 9.23
CA GLU B 89 10.76 4.18 7.78
C GLU B 89 11.19 2.89 7.08
N ASP B 90 11.59 1.89 7.86
CA ASP B 90 11.99 0.62 7.28
C ASP B 90 10.77 -0.29 7.12
N THR B 91 9.62 0.19 7.59
CA THR B 91 8.37 -0.56 7.51
C THR B 91 7.98 -0.83 6.08
N ALA B 92 7.85 -2.11 5.72
CA ALA B 92 7.49 -2.49 4.37
C ALA B 92 7.40 -3.99 4.21
N VAL B 93 6.97 -4.42 3.03
CA VAL B 93 6.91 -5.85 2.73
C VAL B 93 8.26 -6.12 2.06
N TYR B 94 8.96 -7.17 2.48
CA TYR B 94 10.24 -7.48 1.88
C TYR B 94 10.20 -8.70 0.96
N PHE B 95 10.65 -8.50 -0.29
CA PHE B 95 10.71 -9.58 -1.28
C PHE B 95 12.15 -9.96 -1.60
N CYS B 96 12.40 -11.24 -1.84
CA CYS B 96 13.73 -11.65 -2.26
C CYS B 96 13.53 -12.00 -3.73
N ALA B 97 14.43 -11.54 -4.59
CA ALA B 97 14.30 -11.80 -6.00
C ALA B 97 15.60 -12.29 -6.62
N ARG B 98 15.46 -12.90 -7.78
CA ARG B 98 16.59 -13.41 -8.52
C ARG B 98 16.94 -12.42 -9.63
N GLU B 99 18.23 -12.17 -9.80
CA GLU B 99 18.68 -11.27 -10.85
C GLU B 99 19.10 -12.19 -11.98
N PHE B 100 18.58 -11.93 -13.18
CA PHE B 100 18.94 -12.74 -14.32
C PHE B 100 19.72 -11.87 -15.29
N SER B 101 20.61 -12.48 -16.06
CA SER B 101 21.44 -11.76 -17.01
C SER B 101 20.84 -11.65 -18.41
N SER B 102 20.69 -10.41 -18.89
CA SER B 102 20.19 -10.18 -20.24
C SER B 102 21.43 -9.80 -21.02
N TYR B 103 22.00 -10.78 -21.71
CA TYR B 103 23.21 -10.58 -22.48
C TYR B 103 22.98 -10.27 -23.96
N THR B 104 23.48 -9.13 -24.39
CA THR B 104 23.36 -8.70 -25.79
C THR B 104 24.75 -8.24 -26.23
N ASP B 105 25.38 -9.05 -27.08
CA ASP B 105 26.74 -8.82 -27.57
C ASP B 105 26.87 -8.33 -29.02
N HIS B 106 27.46 -7.15 -29.19
CA HIS B 106 27.67 -6.56 -30.51
C HIS B 106 29.16 -6.46 -30.83
N LEU B 107 29.90 -7.52 -30.51
CA LEU B 107 31.34 -7.64 -30.76
C LEU B 107 32.23 -6.55 -30.16
N GLU B 108 32.27 -5.36 -30.75
CA GLU B 108 33.11 -4.29 -30.21
C GLU B 108 32.75 -4.05 -28.76
N TYR B 109 31.50 -4.35 -28.40
CA TYR B 109 31.03 -4.15 -27.04
C TYR B 109 29.85 -5.06 -26.77
N TYR B 110 29.44 -5.13 -25.51
CA TYR B 110 28.30 -5.95 -25.15
C TYR B 110 27.66 -5.44 -23.87
N TYR B 111 26.36 -5.68 -23.74
CA TYR B 111 25.63 -5.25 -22.57
C TYR B 111 25.32 -6.45 -21.70
N ASP B 112 25.59 -6.31 -20.40
CA ASP B 112 25.31 -7.36 -19.45
C ASP B 112 24.44 -6.72 -18.38
N TYR B 113 23.13 -6.74 -18.63
CA TYR B 113 22.12 -6.15 -17.75
C TYR B 113 21.38 -7.17 -16.90
N TYR B 114 21.17 -6.83 -15.63
CA TYR B 114 20.47 -7.73 -14.72
C TYR B 114 19.13 -7.18 -14.25
N TYR B 115 18.09 -8.00 -14.37
CA TYR B 115 16.75 -7.63 -13.94
C TYR B 115 16.20 -8.75 -13.04
N MET B 116 15.18 -8.46 -12.25
CA MET B 116 14.56 -9.45 -11.36
C MET B 116 13.46 -10.21 -12.08
N ASP B 117 13.66 -11.50 -12.34
CA ASP B 117 12.65 -12.29 -13.03
C ASP B 117 11.85 -13.22 -12.12
N VAL B 118 12.39 -13.52 -10.94
CA VAL B 118 11.67 -14.37 -10.00
C VAL B 118 11.51 -13.63 -8.66
N TRP B 119 10.31 -13.63 -8.12
CA TRP B 119 10.02 -12.96 -6.85
C TRP B 119 9.29 -13.88 -5.91
N GLY B 120 9.54 -13.72 -4.61
CA GLY B 120 8.83 -14.51 -3.62
C GLY B 120 7.52 -13.78 -3.38
N LYS B 121 6.72 -14.25 -2.43
CA LYS B 121 5.45 -13.61 -2.13
C LYS B 121 5.64 -12.42 -1.18
N GLY B 122 6.77 -12.40 -0.47
CA GLY B 122 7.06 -11.32 0.45
C GLY B 122 6.72 -11.58 1.91
N THR B 123 7.48 -10.98 2.82
CA THR B 123 7.25 -11.12 4.25
C THR B 123 7.11 -9.69 4.77
N THR B 124 6.21 -9.50 5.73
CA THR B 124 5.94 -8.17 6.29
C THR B 124 6.80 -7.73 7.47
N VAL B 125 7.28 -6.49 7.41
CA VAL B 125 8.08 -5.93 8.49
C VAL B 125 7.44 -4.64 8.95
N THR B 126 7.07 -4.59 10.23
CA THR B 126 6.46 -3.41 10.79
C THR B 126 7.32 -2.89 11.94
N VAL B 127 7.69 -1.62 11.87
CA VAL B 127 8.49 -1.01 12.91
C VAL B 127 7.71 0.17 13.50
N SER B 128 7.27 0.01 14.74
CA SER B 128 6.48 1.03 15.40
C SER B 128 6.82 1.17 16.89
N SER B 129 6.71 2.39 17.41
CA SER B 129 6.99 2.65 18.81
C SER B 129 5.71 2.48 19.64
N ALA B 130 4.61 2.13 19.00
CA ALA B 130 3.35 1.93 19.71
C ALA B 130 3.45 0.66 20.54
N SER B 131 2.65 0.58 21.60
CA SER B 131 2.65 -0.58 22.48
C SER B 131 1.26 -1.21 22.46
N THR B 132 1.20 -2.50 22.77
CA THR B 132 -0.08 -3.20 22.79
C THR B 132 -1.05 -2.41 23.68
N LYS B 133 -2.25 -2.17 23.16
CA LYS B 133 -3.25 -1.42 23.90
C LYS B 133 -4.66 -1.69 23.43
N GLY B 134 -5.55 -1.96 24.38
CA GLY B 134 -6.94 -2.22 24.08
C GLY B 134 -7.65 -0.96 23.62
N PRO B 135 -8.78 -1.09 22.93
CA PRO B 135 -9.56 0.05 22.42
C PRO B 135 -10.58 0.63 23.37
N SER B 136 -10.97 1.86 23.07
CA SER B 136 -12.01 2.56 23.81
C SER B 136 -13.19 2.47 22.85
N VAL B 137 -14.30 1.92 23.32
CA VAL B 137 -15.48 1.78 22.47
C VAL B 137 -16.56 2.80 22.78
N PHE B 138 -16.79 3.72 21.85
CA PHE B 138 -17.81 4.74 22.03
C PHE B 138 -19.00 4.43 21.13
N PRO B 139 -20.22 4.63 21.63
CA PRO B 139 -21.41 4.37 20.82
C PRO B 139 -21.73 5.53 19.87
N LEU B 140 -22.20 5.19 18.68
CA LEU B 140 -22.58 6.21 17.71
C LEU B 140 -24.11 6.17 17.65
N ALA B 141 -24.72 6.96 18.53
CA ALA B 141 -26.17 7.03 18.68
C ALA B 141 -26.93 7.47 17.45
N PRO B 142 -28.08 6.83 17.18
CA PRO B 142 -28.93 7.14 16.03
C PRO B 142 -29.63 8.47 16.20
N GLY B 150 -38.96 5.63 8.42
CA GLY B 150 -37.74 5.33 7.69
C GLY B 150 -36.74 4.52 8.51
N THR B 151 -35.48 4.53 8.09
CA THR B 151 -34.44 3.78 8.79
C THR B 151 -33.49 4.70 9.55
N ALA B 152 -32.59 4.10 10.34
CA ALA B 152 -31.64 4.86 11.12
C ALA B 152 -30.28 4.18 11.11
N ALA B 153 -29.23 4.98 11.27
CA ALA B 153 -27.87 4.47 11.29
C ALA B 153 -27.31 4.62 12.70
N LEU B 154 -26.63 3.58 13.17
CA LEU B 154 -26.03 3.60 14.50
C LEU B 154 -24.81 2.69 14.47
N GLY B 155 -23.86 2.94 15.38
CA GLY B 155 -22.69 2.10 15.39
C GLY B 155 -21.82 2.24 16.61
N CYS B 156 -20.56 1.84 16.44
CA CYS B 156 -19.56 1.90 17.49
C CYS B 156 -18.24 2.40 16.94
N LEU B 157 -17.61 3.29 17.69
CA LEU B 157 -16.31 3.83 17.33
C LEU B 157 -15.31 3.07 18.20
N VAL B 158 -14.41 2.32 17.57
CA VAL B 158 -13.40 1.55 18.28
C VAL B 158 -12.10 2.35 18.16
N LYS B 159 -11.84 3.15 19.19
CA LYS B 159 -10.72 4.07 19.21
C LYS B 159 -9.42 3.66 19.90
N ASP B 160 -8.33 4.15 19.32
CA ASP B 160 -6.96 3.96 19.78
C ASP B 160 -6.51 2.59 20.31
N TYR B 161 -6.37 1.63 19.40
CA TYR B 161 -5.92 0.30 19.79
C TYR B 161 -4.69 -0.09 18.98
N PHE B 162 -3.87 -0.98 19.53
CA PHE B 162 -2.67 -1.43 18.83
C PHE B 162 -2.24 -2.80 19.30
N PRO B 163 -1.88 -3.69 18.35
CA PRO B 163 -1.87 -3.51 16.91
C PRO B 163 -3.14 -4.16 16.36
N GLU B 164 -3.23 -4.34 15.05
CA GLU B 164 -4.39 -4.98 14.46
C GLU B 164 -4.34 -6.45 14.89
N PRO B 165 -5.47 -7.17 14.80
CA PRO B 165 -6.77 -6.68 14.31
C PRO B 165 -7.77 -6.68 15.45
N VAL B 166 -9.00 -6.30 15.14
CA VAL B 166 -10.10 -6.32 16.09
C VAL B 166 -11.29 -6.84 15.29
N THR B 167 -12.21 -7.53 15.95
CA THR B 167 -13.39 -8.04 15.28
C THR B 167 -14.61 -7.40 15.92
N VAL B 168 -15.64 -7.17 15.12
CA VAL B 168 -16.86 -6.55 15.60
C VAL B 168 -18.09 -7.33 15.13
N SER B 169 -19.06 -7.47 16.01
CA SER B 169 -20.29 -8.15 15.66
C SER B 169 -21.41 -7.41 16.40
N TRP B 170 -22.66 -7.69 16.04
CA TRP B 170 -23.77 -7.02 16.72
C TRP B 170 -24.73 -8.00 17.38
N ASN B 171 -25.32 -7.59 18.49
CA ASN B 171 -26.26 -8.41 19.24
C ASN B 171 -25.83 -9.86 19.29
N SER B 172 -24.56 -10.07 19.59
CA SER B 172 -23.98 -11.41 19.68
C SER B 172 -24.17 -12.25 18.42
N GLY B 173 -24.19 -11.60 17.26
CA GLY B 173 -24.35 -12.31 16.01
C GLY B 173 -25.73 -12.23 15.38
N ALA B 174 -26.75 -11.99 16.19
CA ALA B 174 -28.12 -11.92 15.71
C ALA B 174 -28.40 -10.85 14.65
N LEU B 175 -27.51 -9.89 14.51
CA LEU B 175 -27.68 -8.82 13.52
C LEU B 175 -26.49 -8.87 12.59
N THR B 176 -26.74 -9.26 11.34
CA THR B 176 -25.68 -9.39 10.34
C THR B 176 -25.94 -8.61 9.07
N SER B 177 -27.20 -8.24 8.83
CA SER B 177 -27.56 -7.49 7.63
C SER B 177 -27.52 -5.98 7.86
N GLY B 178 -27.06 -5.26 6.85
CA GLY B 178 -26.97 -3.81 6.95
C GLY B 178 -25.85 -3.42 7.90
N VAL B 179 -24.85 -4.27 7.99
CA VAL B 179 -23.69 -4.04 8.85
C VAL B 179 -22.48 -3.73 8.01
N HIS B 180 -21.73 -2.70 8.40
CA HIS B 180 -20.55 -2.33 7.67
C HIS B 180 -19.44 -1.91 8.62
N THR B 181 -18.43 -2.76 8.74
CA THR B 181 -17.28 -2.48 9.59
C THR B 181 -16.18 -1.97 8.67
N PHE B 182 -15.78 -0.72 8.89
CA PHE B 182 -14.77 -0.06 8.06
C PHE B 182 -13.32 -0.36 8.37
N PRO B 183 -12.50 -0.51 7.32
CA PRO B 183 -11.07 -0.77 7.53
C PRO B 183 -10.58 0.33 8.45
N ALA B 184 -9.68 -0.01 9.37
CA ALA B 184 -9.16 0.97 10.32
C ALA B 184 -8.23 2.00 9.71
N VAL B 185 -8.09 3.13 10.40
CA VAL B 185 -7.20 4.19 9.97
C VAL B 185 -6.00 4.18 10.91
N LEU B 186 -4.79 4.27 10.37
CA LEU B 186 -3.60 4.32 11.22
C LEU B 186 -3.42 5.81 11.51
N GLN B 187 -3.44 6.19 12.78
CA GLN B 187 -3.28 7.60 13.13
C GLN B 187 -1.81 7.95 13.32
N SER B 188 -1.54 9.25 13.35
CA SER B 188 -0.18 9.76 13.50
C SER B 188 0.43 9.27 14.81
N SER B 189 -0.43 8.97 15.76
CA SER B 189 0.01 8.50 17.05
C SER B 189 0.52 7.06 17.00
N GLY B 190 0.27 6.39 15.87
CA GLY B 190 0.72 5.01 15.74
C GLY B 190 -0.36 4.01 16.15
N LEU B 191 -1.49 4.53 16.65
CA LEU B 191 -2.59 3.68 17.08
C LEU B 191 -3.72 3.65 16.03
N TYR B 192 -4.45 2.54 15.96
CA TYR B 192 -5.53 2.38 15.00
C TYR B 192 -6.90 2.71 15.56
N SER B 193 -7.84 2.92 14.65
CA SER B 193 -9.23 3.19 14.97
C SER B 193 -10.08 2.76 13.79
N LEU B 194 -11.29 2.29 14.08
CA LEU B 194 -12.21 1.87 13.05
C LEU B 194 -13.63 2.14 13.53
N SER B 195 -14.58 2.00 12.64
CA SER B 195 -15.98 2.23 13.00
C SER B 195 -16.80 1.15 12.36
N SER B 196 -17.81 0.68 13.08
CA SER B 196 -18.72 -0.33 12.57
C SER B 196 -20.11 0.28 12.64
N VAL B 197 -20.82 0.31 11.52
CA VAL B 197 -22.15 0.91 11.50
C VAL B 197 -23.20 -0.01 10.90
N VAL B 198 -24.42 0.09 11.40
CA VAL B 198 -25.53 -0.72 10.90
C VAL B 198 -26.80 0.12 10.73
N THR B 199 -27.56 -0.16 9.69
CA THR B 199 -28.80 0.55 9.39
C THR B 199 -29.97 -0.31 9.86
N VAL B 200 -30.86 0.28 10.64
CA VAL B 200 -32.01 -0.45 11.18
C VAL B 200 -33.30 0.37 11.06
N PRO B 201 -34.45 -0.28 11.28
CA PRO B 201 -35.74 0.41 11.21
C PRO B 201 -35.86 1.41 12.36
N SER B 202 -36.25 2.64 12.05
CA SER B 202 -36.40 3.70 13.05
C SER B 202 -37.41 3.39 14.15
N SER B 203 -38.44 2.63 13.82
CA SER B 203 -39.49 2.30 14.79
C SER B 203 -39.05 1.32 15.88
N SER B 204 -38.02 0.53 15.59
CA SER B 204 -37.52 -0.45 16.55
C SER B 204 -36.61 0.17 17.60
N LEU B 205 -36.09 1.34 17.30
CA LEU B 205 -35.19 2.03 18.21
C LEU B 205 -35.71 2.06 19.65
N GLY B 206 -37.03 2.13 19.79
CA GLY B 206 -37.61 2.18 21.12
C GLY B 206 -37.64 0.86 21.87
N THR B 207 -37.76 -0.24 21.14
CA THR B 207 -37.83 -1.56 21.78
C THR B 207 -36.57 -2.40 21.65
N GLN B 208 -36.02 -2.47 20.44
CA GLN B 208 -34.84 -3.28 20.20
C GLN B 208 -33.53 -2.72 20.77
N THR B 209 -32.83 -3.54 21.55
CA THR B 209 -31.56 -3.13 22.12
C THR B 209 -30.45 -3.45 21.12
N TYR B 210 -29.43 -2.61 21.06
CA TYR B 210 -28.32 -2.81 20.14
C TYR B 210 -27.01 -2.81 20.91
N THR B 211 -26.19 -3.83 20.67
CA THR B 211 -24.91 -3.96 21.34
C THR B 211 -23.82 -4.43 20.37
N CYS B 212 -22.73 -3.68 20.30
CA CYS B 212 -21.62 -4.09 19.44
C CYS B 212 -20.64 -4.86 20.32
N ASN B 213 -20.23 -6.04 19.85
CA ASN B 213 -19.30 -6.90 20.56
C ASN B 213 -17.92 -6.76 19.93
N VAL B 214 -17.03 -6.06 20.63
CA VAL B 214 -15.69 -5.79 20.14
C VAL B 214 -14.65 -6.68 20.82
N ASN B 215 -13.79 -7.31 20.02
CA ASN B 215 -12.74 -8.15 20.59
C ASN B 215 -11.37 -7.74 20.03
N HIS B 216 -10.41 -7.60 20.92
CA HIS B 216 -9.06 -7.22 20.54
C HIS B 216 -8.13 -8.23 21.21
N LYS B 217 -7.91 -9.36 20.54
CA LYS B 217 -7.07 -10.41 21.07
C LYS B 217 -5.63 -10.03 21.45
N PRO B 218 -4.99 -9.15 20.67
CA PRO B 218 -3.62 -8.77 21.03
C PRO B 218 -3.46 -8.33 22.49
N SER B 219 -4.48 -7.64 23.02
CA SER B 219 -4.43 -7.21 24.41
C SER B 219 -5.43 -7.97 25.26
N ASN B 220 -5.96 -9.06 24.71
CA ASN B 220 -6.95 -9.88 25.42
C ASN B 220 -8.05 -9.02 26.03
N THR B 221 -8.69 -8.21 25.20
CA THR B 221 -9.75 -7.34 25.66
C THR B 221 -11.03 -7.45 24.84
N LYS B 222 -12.15 -7.65 25.52
CA LYS B 222 -13.44 -7.72 24.86
C LYS B 222 -14.33 -6.66 25.46
N VAL B 223 -15.14 -6.01 24.64
CA VAL B 223 -16.03 -4.97 25.11
C VAL B 223 -17.37 -5.08 24.41
N ASP B 224 -18.44 -5.11 25.19
CA ASP B 224 -19.79 -5.15 24.65
C ASP B 224 -20.37 -3.80 24.99
N LYS B 225 -20.52 -2.94 23.99
CA LYS B 225 -21.04 -1.60 24.21
C LYS B 225 -22.47 -1.45 23.71
N ARG B 226 -23.34 -1.03 24.62
CA ARG B 226 -24.74 -0.82 24.30
C ARG B 226 -24.92 0.55 23.64
N VAL B 227 -25.60 0.57 22.50
CA VAL B 227 -25.84 1.81 21.79
C VAL B 227 -27.30 2.21 21.96
N GLU B 228 -27.55 3.18 22.83
CA GLU B 228 -28.91 3.64 23.08
C GLU B 228 -29.21 4.92 22.33
N LEU B 229 -30.49 5.24 22.28
CA LEU B 229 -30.97 6.43 21.60
C LEU B 229 -30.66 7.67 22.44
N ARG C 1 37.20 -4.16 -27.24
CA ARG C 1 35.95 -4.79 -26.71
C ARG C 1 35.55 -4.19 -25.37
N LYS C 2 34.56 -3.29 -25.40
CA LYS C 2 34.06 -2.63 -24.20
C LYS C 2 32.98 -3.49 -23.55
N ARG C 3 33.16 -3.76 -22.27
CA ARG C 3 32.22 -4.60 -21.51
C ARG C 3 31.38 -3.74 -20.56
N ILE C 4 30.06 -3.77 -20.70
CA ILE C 4 29.19 -2.96 -19.85
C ILE C 4 28.33 -3.82 -18.91
N HIS C 5 28.59 -3.68 -17.61
CA HIS C 5 27.87 -4.43 -16.57
C HIS C 5 26.97 -3.51 -15.74
N ILE C 6 25.66 -3.65 -15.92
CA ILE C 6 24.70 -2.85 -15.18
C ILE C 6 23.70 -3.73 -14.46
N GLY C 7 23.60 -3.51 -13.15
CA GLY C 7 22.66 -4.27 -12.34
C GLY C 7 22.41 -3.51 -11.06
N PRO C 8 21.44 -3.93 -10.24
CA PRO C 8 21.19 -3.20 -8.99
C PRO C 8 22.45 -3.06 -8.14
N GLY C 9 22.75 -1.84 -7.70
CA GLY C 9 23.91 -1.63 -6.85
C GLY C 9 25.29 -1.58 -7.47
N ARG C 10 25.42 -1.89 -8.76
CA ARG C 10 26.74 -1.83 -9.39
C ARG C 10 26.68 -1.57 -10.88
N ALA C 11 27.63 -0.80 -11.36
CA ALA C 11 27.71 -0.46 -12.77
C ALA C 11 29.17 -0.18 -13.08
N PHE C 12 29.67 -0.79 -14.16
CA PHE C 12 31.06 -0.58 -14.55
C PHE C 12 31.35 -1.15 -15.93
N TYR C 13 32.50 -0.80 -16.49
CA TYR C 13 32.86 -1.32 -17.80
C TYR C 13 34.27 -1.91 -17.81
N ALA C 14 34.34 -3.24 -17.86
CA ALA C 14 35.61 -3.96 -17.88
C ALA C 14 36.33 -3.86 -19.22
N THR C 15 37.64 -3.61 -19.16
CA THR C 15 38.47 -3.48 -20.36
C THR C 15 38.42 -4.72 -21.25
#